data_5NV2
#
_entry.id   5NV2
#
_cell.length_a   74.630
_cell.length_b   74.630
_cell.length_c   156.670
_cell.angle_alpha   90.000
_cell.angle_beta   90.000
_cell.angle_gamma   120.000
#
_symmetry.space_group_name_H-M   'P 32 2 1'
#
loop_
_entity.id
_entity.type
_entity.pdbx_description
1 polymer 'DNA (cytosine-5)-methyltransferase 3B'
2 non-polymer (2~{S})-6-methyl-~{N}-propan-2-yl-heptan-2-amine
3 non-polymer 'SULFATE ION'
4 water water
#
_entity_poly.entity_id   1
_entity_poly.type   'polypeptide(L)'
_entity_poly.pdbx_seq_one_letter_code
;EADSGDGDSSEYQDGKEFGIGDLVWGKIKGFSWWPAMVVSWKATSKRQAMSGMRWVQWFGDGKFSEVSADKLVALGLFSQ
HFNLATFNKLVSYRKAMYHALEKARVRAGKTFPSSPGDSLEDQLKPMLEWAHGGFKPTGIEGLKPNNTQP
;
_entity_poly.pdbx_strand_id   A,B
#
# COMPACT_ATOMS: atom_id res chain seq x y z
N SER A 10 -3.97 -12.50 -11.95
CA SER A 10 -4.67 -11.23 -11.83
C SER A 10 -4.06 -10.33 -10.74
N GLU A 11 -4.87 -9.38 -10.27
CA GLU A 11 -4.40 -8.36 -9.34
C GLU A 11 -4.26 -8.89 -7.91
N TYR A 12 -3.27 -8.40 -7.18
CA TYR A 12 -3.11 -8.68 -5.75
C TYR A 12 -2.86 -10.15 -5.45
N GLN A 13 -1.92 -10.76 -6.17
CA GLN A 13 -1.51 -12.14 -5.88
C GLN A 13 -0.15 -12.15 -5.22
N ASP A 14 -0.10 -11.65 -3.98
CA ASP A 14 1.16 -11.50 -3.28
C ASP A 14 1.18 -12.25 -1.95
N GLY A 15 0.17 -13.09 -1.73
CA GLY A 15 0.08 -13.88 -0.53
C GLY A 15 -0.33 -13.10 0.70
N LYS A 16 -0.82 -11.88 0.49
CA LYS A 16 -1.32 -11.06 1.59
C LYS A 16 -2.85 -11.03 1.60
N GLU A 17 -3.41 -10.53 2.70
CA GLU A 17 -4.85 -10.50 2.91
C GLU A 17 -5.51 -9.46 1.99
N PHE A 18 -6.83 -9.56 1.84
CA PHE A 18 -7.67 -8.53 1.20
C PHE A 18 -7.71 -8.58 -0.33
N GLY A 19 -8.92 -8.64 -0.86
CA GLY A 19 -9.15 -8.63 -2.29
C GLY A 19 -10.14 -7.55 -2.67
N ILE A 20 -10.22 -7.28 -3.96
CA ILE A 20 -11.15 -6.29 -4.51
C ILE A 20 -12.57 -6.39 -3.93
N GLY A 21 -13.14 -5.27 -3.51
CA GLY A 21 -14.48 -5.27 -2.94
C GLY A 21 -14.50 -5.34 -1.41
N ASP A 22 -13.39 -5.72 -0.80
CA ASP A 22 -13.35 -5.87 0.65
C ASP A 22 -13.53 -4.54 1.38
N LEU A 23 -14.41 -4.55 2.37
CA LEU A 23 -14.58 -3.42 3.29
C LEU A 23 -13.51 -3.51 4.37
N VAL A 24 -12.73 -2.45 4.55
CA VAL A 24 -11.61 -2.47 5.48
C VAL A 24 -11.52 -1.18 6.28
N TRP A 25 -10.78 -1.22 7.40
CA TRP A 25 -10.25 0.00 8.00
C TRP A 25 -8.84 0.19 7.47
N GLY A 26 -8.51 1.42 7.11
CA GLY A 26 -7.16 1.72 6.66
C GLY A 26 -6.52 2.77 7.56
N LYS A 27 -5.23 2.63 7.83
CA LYS A 27 -4.56 3.56 8.74
C LYS A 27 -3.50 4.36 8.03
N ILE A 28 -3.70 5.67 7.96
CA ILE A 28 -2.71 6.56 7.41
C ILE A 28 -2.16 7.40 8.55
N LYS A 29 -0.84 7.64 8.53
CA LYS A 29 -0.19 8.45 9.56
C LYS A 29 -0.89 9.78 9.77
N GLY A 30 -1.24 10.07 11.03
CA GLY A 30 -1.89 11.33 11.37
C GLY A 30 -3.40 11.22 11.44
N PHE A 31 -3.94 10.08 11.04
CA PHE A 31 -5.39 9.90 11.00
C PHE A 31 -5.83 8.69 11.81
N SER A 32 -7.05 8.75 12.34
CA SER A 32 -7.67 7.56 12.92
C SER A 32 -7.80 6.48 11.83
N TRP A 33 -8.06 5.24 12.24
CA TRP A 33 -8.47 4.21 11.29
C TRP A 33 -9.70 4.73 10.56
N TRP A 34 -9.70 4.62 9.24
CA TRP A 34 -10.79 5.15 8.41
C TRP A 34 -11.34 4.06 7.50
N PRO A 35 -12.68 4.04 7.29
CA PRO A 35 -13.24 2.95 6.47
C PRO A 35 -13.00 3.17 4.99
N ALA A 36 -12.81 2.08 4.27
CA ALA A 36 -12.45 2.17 2.86
C ALA A 36 -12.90 0.92 2.16
N MET A 37 -12.84 0.93 0.83
CA MET A 37 -13.07 -0.29 0.10
C MET A 37 -11.87 -0.62 -0.78
N VAL A 38 -11.45 -1.88 -0.79
CA VAL A 38 -10.32 -2.22 -1.64
C VAL A 38 -10.79 -2.16 -3.10
N VAL A 39 -10.02 -1.51 -3.97
CA VAL A 39 -10.40 -1.42 -5.39
C VAL A 39 -9.28 -1.89 -6.32
N SER A 40 -9.62 -2.17 -7.57
CA SER A 40 -8.59 -2.50 -8.55
C SER A 40 -7.85 -1.24 -8.93
N TRP A 41 -6.59 -1.38 -9.33
CA TRP A 41 -5.83 -0.18 -9.73
C TRP A 41 -6.47 0.48 -10.94
N LYS A 42 -7.23 -0.28 -11.71
CA LYS A 42 -7.88 0.27 -12.89
C LYS A 42 -8.92 1.34 -12.56
N ALA A 43 -9.52 1.25 -11.38
CA ALA A 43 -10.50 2.25 -10.95
C ALA A 43 -9.82 3.55 -10.53
N THR A 44 -8.51 3.51 -10.31
CA THR A 44 -7.84 4.65 -9.69
C THR A 44 -7.34 5.67 -10.69
N SER A 45 -7.15 5.23 -11.93
CA SER A 45 -6.50 6.04 -12.96
C SER A 45 -5.08 6.47 -12.52
N LYS A 46 -4.37 5.55 -11.88
CA LYS A 46 -2.98 5.80 -11.50
C LYS A 46 -2.04 4.73 -12.05
N ARG A 47 -1.72 3.74 -11.23
CA ARG A 47 -0.71 2.74 -11.57
C ARG A 47 -1.02 1.48 -10.78
N GLN A 48 -0.48 0.35 -11.21
CA GLN A 48 -0.64 -0.87 -10.44
C GLN A 48 0.00 -0.70 -9.06
N ALA A 49 -0.65 -1.25 -8.04
CA ALA A 49 -0.11 -1.23 -6.68
C ALA A 49 1.20 -2.02 -6.60
N MET A 50 2.13 -1.59 -5.74
CA MET A 50 3.34 -2.37 -5.46
C MET A 50 2.95 -3.65 -4.73
N SER A 51 3.76 -4.70 -4.86
CA SER A 51 3.52 -5.97 -4.18
C SER A 51 3.36 -5.69 -2.69
N GLY A 52 2.38 -6.34 -2.05
CA GLY A 52 2.17 -6.12 -0.62
C GLY A 52 1.26 -4.94 -0.31
N MET A 53 0.86 -4.17 -1.34
CA MET A 53 -0.01 -3.02 -1.17
C MET A 53 -1.39 -3.25 -1.80
N ARG A 54 -2.38 -2.47 -1.38
CA ARG A 54 -3.71 -2.49 -1.99
C ARG A 54 -4.09 -1.06 -2.28
N TRP A 55 -4.77 -0.83 -3.42
CA TRP A 55 -5.49 0.43 -3.57
C TRP A 55 -6.79 0.34 -2.78
N VAL A 56 -7.07 1.38 -2.01
CA VAL A 56 -8.36 1.48 -1.32
C VAL A 56 -8.98 2.80 -1.72
N GLN A 57 -10.30 2.85 -1.69
CA GLN A 57 -11.00 4.12 -1.90
C GLN A 57 -11.68 4.44 -0.58
N TRP A 58 -11.47 5.66 -0.05
CA TRP A 58 -12.00 6.00 1.27
C TRP A 58 -13.45 6.42 1.21
N PHE A 59 -14.25 5.88 2.11
CA PHE A 59 -15.65 6.26 2.22
C PHE A 59 -15.70 7.67 2.71
N GLY A 60 -16.70 8.42 2.28
CA GLY A 60 -16.80 9.81 2.72
C GLY A 60 -16.15 10.80 1.78
N ASP A 61 -14.94 10.53 1.30
CA ASP A 61 -14.34 11.47 0.36
C ASP A 61 -14.03 10.91 -1.02
N GLY A 62 -14.13 9.59 -1.17
CA GLY A 62 -13.99 8.99 -2.48
C GLY A 62 -12.59 8.98 -3.08
N LYS A 63 -11.60 9.46 -2.34
CA LYS A 63 -10.21 9.46 -2.83
C LYS A 63 -9.57 8.09 -2.74
N PHE A 64 -8.49 7.90 -3.50
CA PHE A 64 -7.81 6.61 -3.58
C PHE A 64 -6.43 6.70 -2.92
N SER A 65 -6.04 5.69 -2.13
CA SER A 65 -4.67 5.61 -1.62
C SER A 65 -4.12 4.20 -1.78
N GLU A 66 -2.81 4.13 -2.01
CA GLU A 66 -2.11 2.85 -2.04
C GLU A 66 -1.60 2.57 -0.63
N VAL A 67 -2.09 1.51 -0.02
CA VAL A 67 -1.89 1.28 1.41
C VAL A 67 -1.39 -0.14 1.59
N SER A 68 -0.40 -0.30 2.46
CA SER A 68 0.16 -1.62 2.73
C SER A 68 -0.91 -2.51 3.31
N ALA A 69 -0.90 -3.79 2.95
CA ALA A 69 -1.88 -4.72 3.47
C ALA A 69 -1.79 -4.84 4.99
N ASP A 70 -0.60 -4.59 5.53
CA ASP A 70 -0.38 -4.64 6.97
C ASP A 70 -1.03 -3.47 7.71
N LYS A 71 -1.32 -2.39 6.97
CA LYS A 71 -2.04 -1.26 7.55
C LYS A 71 -3.53 -1.31 7.19
N LEU A 72 -4.05 -2.51 6.90
CA LEU A 72 -5.48 -2.71 6.69
C LEU A 72 -6.02 -3.81 7.60
N VAL A 73 -7.26 -3.64 8.07
CA VAL A 73 -7.96 -4.72 8.75
C VAL A 73 -9.39 -4.76 8.27
N ALA A 74 -10.03 -5.91 8.42
CA ALA A 74 -11.40 -6.08 8.00
C ALA A 74 -12.32 -5.10 8.73
N LEU A 75 -13.25 -4.51 8.00
CA LEU A 75 -14.22 -3.60 8.61
C LEU A 75 -14.99 -4.32 9.74
N GLY A 76 -15.15 -5.64 9.61
CA GLY A 76 -15.88 -6.44 10.57
C GLY A 76 -15.30 -6.43 11.98
N LEU A 77 -14.00 -6.19 12.09
CA LEU A 77 -13.37 -5.90 13.37
C LEU A 77 -13.70 -4.46 13.77
N PHE A 78 -14.98 -4.20 14.05
CA PHE A 78 -15.49 -2.83 14.11
C PHE A 78 -15.23 -2.14 15.45
N SER A 79 -15.86 -2.66 16.51
CA SER A 79 -15.71 -2.05 17.82
C SER A 79 -14.23 -1.95 18.21
N GLN A 80 -13.40 -2.80 17.63
CA GLN A 80 -11.95 -2.72 17.82
C GLN A 80 -11.25 -1.55 17.10
N HIS A 81 -11.86 -0.96 16.07
CA HIS A 81 -11.15 0.09 15.31
C HIS A 81 -11.93 1.39 15.16
N PHE A 82 -13.23 1.31 15.42
CA PHE A 82 -14.06 2.50 15.47
C PHE A 82 -13.46 3.46 16.50
N ASN A 83 -13.22 4.70 16.09
CA ASN A 83 -12.69 5.71 17.01
C ASN A 83 -13.80 6.64 17.50
N LEU A 84 -14.25 6.43 18.73
CA LEU A 84 -15.37 7.20 19.25
C LEU A 84 -15.04 8.70 19.33
N ALA A 85 -13.83 9.04 19.77
CA ALA A 85 -13.42 10.45 19.88
C ALA A 85 -13.48 11.13 18.51
N THR A 86 -12.96 10.45 17.48
CA THR A 86 -12.99 11.01 16.14
C THR A 86 -14.42 11.18 15.63
N PHE A 87 -15.26 10.20 15.97
CA PHE A 87 -16.68 10.23 15.58
C PHE A 87 -17.40 11.44 16.18
N ASN A 88 -17.14 11.70 17.46
CA ASN A 88 -17.81 12.82 18.11
C ASN A 88 -17.31 14.13 17.55
N LYS A 89 -16.02 14.16 17.23
CA LYS A 89 -15.35 15.38 16.80
C LYS A 89 -15.59 15.77 15.33
N LEU A 90 -15.54 14.78 14.41
CA LEU A 90 -15.50 15.08 12.97
C LEU A 90 -16.74 14.67 12.20
N VAL A 91 -17.45 15.65 11.63
CA VAL A 91 -18.62 15.33 10.82
C VAL A 91 -18.23 14.48 9.60
N SER A 92 -17.00 14.62 9.11
CA SER A 92 -16.57 13.87 7.93
C SER A 92 -16.44 12.39 8.29
N TYR A 93 -16.02 12.12 9.51
CA TYR A 93 -15.90 10.74 10.00
C TYR A 93 -17.28 10.12 10.17
N ARG A 94 -18.25 10.89 10.67
CA ARG A 94 -19.63 10.38 10.79
C ARG A 94 -20.20 10.08 9.41
N LYS A 95 -19.90 10.95 8.45
CA LYS A 95 -20.36 10.72 7.09
C LYS A 95 -19.72 9.44 6.52
N ALA A 96 -18.41 9.31 6.69
CA ALA A 96 -17.70 8.10 6.25
C ALA A 96 -18.33 6.84 6.79
N MET A 97 -18.69 6.86 8.08
CA MET A 97 -19.29 5.70 8.72
C MET A 97 -20.66 5.37 8.13
N TYR A 98 -21.43 6.41 7.82
CA TYR A 98 -22.74 6.17 7.21
C TYR A 98 -22.58 5.44 5.87
N HIS A 99 -21.72 5.95 5.00
CA HIS A 99 -21.55 5.33 3.69
C HIS A 99 -20.95 3.94 3.81
N ALA A 100 -20.03 3.77 4.75
CA ALA A 100 -19.43 2.44 4.91
C ALA A 100 -20.46 1.44 5.42
N LEU A 101 -21.20 1.82 6.44
CA LEU A 101 -22.15 0.89 7.06
C LEU A 101 -23.36 0.65 6.16
N GLU A 102 -23.74 1.65 5.37
CA GLU A 102 -24.77 1.45 4.35
C GLU A 102 -24.34 0.37 3.36
N LYS A 103 -23.09 0.43 2.90
CA LYS A 103 -22.58 -0.60 2.01
C LYS A 103 -22.63 -1.98 2.70
N ALA A 104 -22.20 -2.01 3.97
CA ALA A 104 -22.21 -3.28 4.74
C ALA A 104 -23.61 -3.81 4.88
N ARG A 105 -24.55 -2.93 5.20
CA ARG A 105 -25.92 -3.30 5.47
C ARG A 105 -26.51 -4.02 4.24
N VAL A 106 -26.44 -3.37 3.09
CA VAL A 106 -26.97 -3.97 1.86
C VAL A 106 -26.35 -5.32 1.58
N ARG A 107 -25.03 -5.41 1.71
CA ARG A 107 -24.37 -6.70 1.51
C ARG A 107 -24.88 -7.77 2.46
N ALA A 108 -25.13 -7.42 3.73
CA ALA A 108 -25.53 -8.41 4.72
C ALA A 108 -27.01 -8.73 4.63
N GLY A 109 -27.74 -7.97 3.83
CA GLY A 109 -29.18 -8.16 3.72
C GLY A 109 -29.90 -7.75 4.99
N LYS A 110 -29.35 -6.73 5.65
CA LYS A 110 -29.91 -6.23 6.90
C LYS A 110 -30.85 -5.08 6.58
N THR A 111 -31.92 -4.92 7.37
CA THR A 111 -32.81 -3.77 7.23
C THR A 111 -33.04 -3.09 8.56
N PHE A 112 -33.09 -1.75 8.54
CA PHE A 112 -33.45 -0.97 9.73
C PHE A 112 -34.72 -0.20 9.45
N PRO A 113 -35.51 0.06 10.51
CA PRO A 113 -36.63 1.01 10.41
C PRO A 113 -36.12 2.42 10.07
N SER A 114 -36.98 3.28 9.54
CA SER A 114 -36.58 4.62 9.11
C SER A 114 -36.71 5.66 10.22
N SER A 119 -32.51 12.15 9.12
CA SER A 119 -31.35 12.83 9.71
C SER A 119 -30.13 11.90 9.85
N LEU A 120 -28.93 12.46 9.64
CA LEU A 120 -27.69 11.67 9.62
C LEU A 120 -27.45 10.90 10.92
N GLU A 121 -27.29 11.63 12.01
CA GLU A 121 -27.08 11.01 13.32
C GLU A 121 -28.19 10.01 13.66
N ASP A 122 -29.40 10.27 13.16
CA ASP A 122 -30.54 9.40 13.39
C ASP A 122 -30.55 8.19 12.46
N GLN A 123 -29.96 8.33 11.28
CA GLN A 123 -29.83 7.19 10.38
C GLN A 123 -28.70 6.29 10.87
N LEU A 124 -27.62 6.93 11.30
CA LEU A 124 -26.46 6.21 11.82
C LEU A 124 -26.78 5.34 13.03
N LYS A 125 -27.63 5.86 13.91
CA LYS A 125 -27.81 5.26 15.23
C LYS A 125 -28.03 3.73 15.19
N PRO A 126 -29.06 3.24 14.44
CA PRO A 126 -29.23 1.78 14.44
C PRO A 126 -28.12 1.05 13.67
N MET A 127 -27.50 1.74 12.72
CA MET A 127 -26.41 1.14 11.93
C MET A 127 -25.19 0.93 12.83
N LEU A 128 -24.88 1.93 13.66
CA LEU A 128 -23.78 1.82 14.62
C LEU A 128 -24.01 0.70 15.61
N GLU A 129 -25.25 0.63 16.13
CA GLU A 129 -25.60 -0.40 17.10
C GLU A 129 -25.39 -1.77 16.50
N TRP A 130 -25.85 -1.92 15.25
CA TRP A 130 -25.70 -3.17 14.53
C TRP A 130 -24.21 -3.51 14.38
N ALA A 131 -23.43 -2.52 13.92
CA ALA A 131 -22.00 -2.73 13.70
C ALA A 131 -21.31 -3.03 15.02
N HIS A 132 -21.58 -2.17 16.00
CA HIS A 132 -20.89 -2.32 17.27
C HIS A 132 -21.28 -3.65 17.93
N GLY A 133 -22.52 -4.09 17.70
CA GLY A 133 -22.99 -5.32 18.27
C GLY A 133 -22.50 -6.58 17.60
N GLY A 134 -21.69 -6.45 16.55
CA GLY A 134 -21.17 -7.63 15.86
C GLY A 134 -21.87 -8.00 14.55
N PHE A 135 -22.58 -7.05 13.95
CA PHE A 135 -23.25 -7.29 12.65
C PHE A 135 -24.19 -8.51 12.65
N LYS A 136 -25.04 -8.62 13.66
CA LYS A 136 -26.00 -9.73 13.74
C LYS A 136 -27.22 -9.50 12.85
N PRO A 137 -27.81 -10.57 12.30
CA PRO A 137 -27.49 -11.99 12.53
C PRO A 137 -26.38 -12.59 11.67
N THR A 138 -25.94 -11.93 10.60
CA THR A 138 -24.96 -12.57 9.72
C THR A 138 -23.58 -12.69 10.35
N GLY A 139 -23.22 -11.75 11.22
CA GLY A 139 -21.83 -11.66 11.64
C GLY A 139 -21.00 -11.15 10.48
N ILE A 140 -19.68 -11.17 10.62
CA ILE A 140 -18.83 -10.49 9.65
C ILE A 140 -18.84 -11.12 8.26
N GLU A 141 -19.22 -12.39 8.20
CA GLU A 141 -19.39 -13.10 6.93
C GLU A 141 -20.32 -12.35 5.96
N GLY A 142 -21.33 -11.68 6.49
CA GLY A 142 -22.29 -10.99 5.63
C GLY A 142 -21.76 -9.73 4.97
N LEU A 143 -20.51 -9.35 5.26
CA LEU A 143 -19.94 -8.11 4.77
C LEU A 143 -19.13 -8.36 3.50
N LYS A 144 -18.97 -9.63 3.15
CA LYS A 144 -18.20 -9.99 1.96
C LYS A 144 -18.85 -9.49 0.66
N PRO A 145 -18.03 -9.21 -0.37
CA PRO A 145 -18.56 -8.74 -1.65
C PRO A 145 -19.23 -9.85 -2.46
N ASN A 146 -19.99 -9.46 -3.49
CA ASN A 146 -20.65 -10.38 -4.44
C ASN A 146 -21.87 -11.09 -3.89
N SER B 10 12.63 -23.61 -4.18
CA SER B 10 11.60 -22.69 -4.62
C SER B 10 12.16 -21.61 -5.57
N GLU B 11 11.32 -20.65 -5.91
CA GLU B 11 11.63 -19.61 -6.89
C GLU B 11 12.91 -18.84 -6.55
N TYR B 12 13.70 -18.53 -7.57
CA TYR B 12 14.96 -17.78 -7.42
C TYR B 12 16.05 -18.50 -6.64
N GLN B 13 16.03 -19.83 -6.65
CA GLN B 13 17.16 -20.58 -6.11
C GLN B 13 18.00 -21.04 -7.29
N ASP B 14 18.79 -20.10 -7.82
CA ASP B 14 19.67 -20.39 -8.94
C ASP B 14 21.11 -20.00 -8.62
N GLY B 15 21.39 -19.80 -7.34
CA GLY B 15 22.72 -19.44 -6.89
C GLY B 15 23.08 -17.96 -7.05
N LYS B 16 22.19 -17.18 -7.67
CA LYS B 16 22.45 -15.76 -7.85
C LYS B 16 21.81 -14.90 -6.75
N GLU B 17 22.23 -13.64 -6.67
CA GLU B 17 21.81 -12.73 -5.60
C GLU B 17 20.31 -12.34 -5.69
N PHE B 18 19.75 -11.89 -4.57
CA PHE B 18 18.43 -11.23 -4.49
C PHE B 18 17.22 -12.16 -4.40
N GLY B 19 16.37 -11.93 -3.40
CA GLY B 19 15.14 -12.70 -3.23
C GLY B 19 13.91 -11.81 -3.12
N ILE B 20 12.75 -12.45 -2.99
CA ILE B 20 11.46 -11.76 -2.98
C ILE B 20 11.42 -10.68 -1.90
N GLY B 21 10.95 -9.48 -2.27
CA GLY B 21 10.85 -8.37 -1.33
C GLY B 21 12.07 -7.47 -1.24
N ASP B 22 13.22 -7.89 -1.79
CA ASP B 22 14.43 -7.04 -1.73
C ASP B 22 14.25 -5.74 -2.51
N LEU B 23 14.68 -4.63 -1.92
CA LEU B 23 14.69 -3.34 -2.58
C LEU B 23 16.00 -3.22 -3.39
N VAL B 24 15.89 -2.84 -4.65
CA VAL B 24 17.05 -2.83 -5.51
C VAL B 24 17.05 -1.64 -6.48
N TRP B 25 18.22 -1.38 -7.07
CA TRP B 25 18.31 -0.54 -8.24
C TRP B 25 18.37 -1.47 -9.45
N GLY B 26 17.64 -1.13 -10.50
CA GLY B 26 17.69 -1.92 -11.70
C GLY B 26 18.04 -1.02 -12.85
N LYS B 27 18.85 -1.54 -13.76
CA LYS B 27 19.31 -0.74 -14.88
C LYS B 27 18.76 -1.32 -16.16
N ILE B 28 17.97 -0.54 -16.88
CA ILE B 28 17.53 -0.94 -18.21
C ILE B 28 18.19 -0.03 -19.24
N LYS B 29 18.63 -0.64 -20.35
CA LYS B 29 19.38 0.04 -21.39
C LYS B 29 18.67 1.30 -21.85
N GLY B 30 19.33 2.45 -21.68
CA GLY B 30 18.78 3.73 -22.06
C GLY B 30 18.25 4.49 -20.87
N PHE B 31 18.37 3.88 -19.69
CA PHE B 31 17.83 4.49 -18.47
C PHE B 31 18.86 4.58 -17.36
N SER B 32 18.69 5.57 -16.48
CA SER B 32 19.46 5.61 -15.25
C SER B 32 19.08 4.39 -14.40
N TRP B 33 19.81 4.13 -13.33
CA TRP B 33 19.37 3.16 -12.36
C TRP B 33 18.03 3.60 -11.80
N TRP B 34 17.11 2.64 -11.67
N TRP B 34 17.07 2.67 -11.72
CA TRP B 34 15.76 2.91 -11.20
CA TRP B 34 15.76 3.01 -11.17
C TRP B 34 15.43 2.00 -10.03
C TRP B 34 15.43 2.05 -10.05
N PRO B 35 14.74 2.54 -9.00
CA PRO B 35 14.47 1.70 -7.82
C PRO B 35 13.33 0.72 -8.11
N ALA B 36 13.41 -0.46 -7.51
CA ALA B 36 12.42 -1.49 -7.77
C ALA B 36 12.38 -2.42 -6.59
N MET B 37 11.44 -3.36 -6.63
CA MET B 37 11.40 -4.43 -5.64
C MET B 37 11.31 -5.78 -6.36
N VAL B 38 12.09 -6.74 -5.89
CA VAL B 38 12.03 -8.10 -6.42
C VAL B 38 10.70 -8.71 -6.02
N VAL B 39 9.96 -9.23 -7.00
CA VAL B 39 8.68 -9.90 -6.72
C VAL B 39 8.67 -11.33 -7.22
N SER B 40 7.69 -12.10 -6.77
CA SER B 40 7.51 -13.45 -7.31
C SER B 40 6.87 -13.33 -8.66
N TRP B 41 7.18 -14.25 -9.57
CA TRP B 41 6.53 -14.21 -10.87
C TRP B 41 5.00 -14.29 -10.75
N LYS B 42 4.52 -14.89 -9.67
CA LYS B 42 3.06 -15.00 -9.50
C LYS B 42 2.38 -13.66 -9.25
N ALA B 43 3.15 -12.65 -8.86
CA ALA B 43 2.60 -11.30 -8.75
C ALA B 43 2.45 -10.62 -10.10
N THR B 44 3.16 -11.12 -11.10
CA THR B 44 3.28 -10.38 -12.38
C THR B 44 2.15 -10.61 -13.35
N SER B 45 1.47 -11.74 -13.20
CA SER B 45 0.52 -12.25 -14.18
C SER B 45 1.17 -12.44 -15.56
N LYS B 46 2.42 -12.92 -15.53
CA LYS B 46 3.18 -13.26 -16.72
C LYS B 46 3.92 -14.57 -16.47
N ARG B 47 4.89 -14.85 -17.31
CA ARG B 47 5.62 -16.11 -17.24
C ARG B 47 6.53 -16.18 -16.02
N GLN B 48 6.95 -17.39 -15.69
CA GLN B 48 7.99 -17.59 -14.70
C GLN B 48 9.30 -17.05 -15.27
N ALA B 49 10.19 -16.57 -14.39
CA ALA B 49 11.47 -15.99 -14.83
C ALA B 49 12.46 -17.07 -15.27
N MET B 50 13.24 -16.79 -16.30
CA MET B 50 14.30 -17.71 -16.71
C MET B 50 15.34 -17.83 -15.61
N SER B 51 16.12 -18.91 -15.65
CA SER B 51 17.26 -19.06 -14.73
C SER B 51 18.18 -17.83 -14.79
N GLY B 52 18.66 -17.39 -13.62
CA GLY B 52 19.47 -16.20 -13.52
C GLY B 52 18.74 -14.86 -13.56
N MET B 53 17.44 -14.91 -13.80
CA MET B 53 16.65 -13.67 -13.88
C MET B 53 15.77 -13.45 -12.63
N ARG B 54 15.29 -12.21 -12.50
CA ARG B 54 14.43 -11.84 -11.37
C ARG B 54 13.36 -10.99 -11.95
N TRP B 55 12.12 -11.20 -11.50
CA TRP B 55 11.09 -10.24 -11.82
C TRP B 55 11.24 -9.08 -10.85
N VAL B 56 11.19 -7.85 -11.37
CA VAL B 56 11.15 -6.70 -10.48
C VAL B 56 9.94 -5.85 -10.80
N GLN B 57 9.50 -5.09 -9.81
CA GLN B 57 8.40 -4.15 -10.03
C GLN B 57 8.95 -2.75 -9.74
N TRP B 58 8.87 -1.86 -10.72
CA TRP B 58 9.45 -0.54 -10.59
C TRP B 58 8.62 0.36 -9.69
N PHE B 59 9.28 1.05 -8.78
CA PHE B 59 8.56 2.04 -7.98
C PHE B 59 8.14 3.17 -8.92
N GLY B 60 7.04 3.83 -8.61
CA GLY B 60 6.63 4.94 -9.47
C GLY B 60 5.62 4.57 -10.53
N ASP B 61 5.95 3.63 -11.41
CA ASP B 61 4.93 3.20 -12.38
C ASP B 61 4.33 1.81 -12.09
N GLY B 62 4.90 1.07 -11.15
CA GLY B 62 4.32 -0.21 -10.75
C GLY B 62 4.37 -1.32 -11.79
N LYS B 63 5.15 -1.12 -12.85
CA LYS B 63 5.25 -2.10 -13.93
C LYS B 63 6.27 -3.19 -13.63
N PHE B 64 6.18 -4.31 -14.35
CA PHE B 64 7.06 -5.44 -14.12
C PHE B 64 8.05 -5.63 -15.27
N SER B 65 9.29 -5.99 -14.92
CA SER B 65 10.31 -6.33 -15.89
C SER B 65 11.08 -7.54 -15.39
N GLU B 66 11.48 -8.40 -16.32
CA GLU B 66 12.37 -9.51 -16.00
C GLU B 66 13.80 -9.01 -16.23
N VAL B 67 14.61 -9.05 -15.19
CA VAL B 67 15.93 -8.45 -15.26
C VAL B 67 16.93 -9.47 -14.78
N SER B 68 18.11 -9.48 -15.39
CA SER B 68 19.15 -10.39 -14.97
C SER B 68 19.56 -10.07 -13.55
N ALA B 69 19.74 -11.11 -12.74
CA ALA B 69 20.10 -10.91 -11.34
C ALA B 69 21.47 -10.27 -11.21
N ASP B 70 22.25 -10.31 -12.30
CA ASP B 70 23.59 -9.73 -12.29
C ASP B 70 23.59 -8.23 -12.58
N LYS B 71 22.46 -7.71 -13.09
CA LYS B 71 22.30 -6.29 -13.37
C LYS B 71 21.45 -5.60 -12.31
N LEU B 72 21.45 -6.13 -11.09
CA LEU B 72 20.71 -5.52 -9.98
C LEU B 72 21.69 -5.22 -8.82
N VAL B 73 21.49 -4.10 -8.13
CA VAL B 73 22.29 -3.83 -6.91
C VAL B 73 21.37 -3.41 -5.75
N ALA B 74 21.81 -3.68 -4.52
CA ALA B 74 20.97 -3.42 -3.36
C ALA B 74 20.66 -1.93 -3.33
N LEU B 75 19.43 -1.58 -2.97
CA LEU B 75 19.04 -0.17 -2.83
C LEU B 75 20.00 0.53 -1.85
N GLY B 76 20.41 -0.21 -0.83
CA GLY B 76 21.34 0.30 0.18
C GLY B 76 22.60 0.95 -0.34
N LEU B 77 23.06 0.56 -1.53
CA LEU B 77 24.14 1.30 -2.17
C LEU B 77 23.55 2.55 -2.81
N PHE B 78 23.17 3.52 -1.99
CA PHE B 78 22.28 4.56 -2.47
C PHE B 78 22.90 5.66 -3.30
N SER B 79 23.87 6.38 -2.73
CA SER B 79 24.42 7.54 -3.41
C SER B 79 25.20 7.17 -4.66
N GLN B 80 25.72 5.94 -4.68
CA GLN B 80 26.42 5.47 -5.88
C GLN B 80 25.52 5.34 -7.08
N HIS B 81 24.23 5.07 -6.86
CA HIS B 81 23.36 4.80 -7.99
C HIS B 81 22.25 5.82 -8.23
N PHE B 82 21.87 6.53 -7.18
CA PHE B 82 20.94 7.66 -7.31
C PHE B 82 21.49 8.60 -8.37
N ASN B 83 20.63 9.12 -9.24
CA ASN B 83 21.12 9.99 -10.31
C ASN B 83 20.56 11.40 -10.18
N LEU B 84 21.36 12.29 -9.60
CA LEU B 84 20.90 13.65 -9.27
C LEU B 84 20.38 14.38 -10.49
N ALA B 85 21.11 14.28 -11.59
CA ALA B 85 20.68 14.88 -12.84
C ALA B 85 19.29 14.37 -13.27
N THR B 86 19.13 13.04 -13.30
CA THR B 86 17.82 12.49 -13.67
C THR B 86 16.75 13.01 -12.71
N PHE B 87 17.07 13.00 -11.42
CA PHE B 87 16.17 13.45 -10.37
C PHE B 87 15.64 14.87 -10.65
N ASN B 88 16.56 15.77 -10.99
CA ASN B 88 16.18 17.16 -11.25
C ASN B 88 15.43 17.30 -12.57
N LYS B 89 15.69 16.39 -13.50
CA LYS B 89 15.08 16.44 -14.83
C LYS B 89 13.66 15.84 -14.92
N LEU B 90 13.44 14.66 -14.34
CA LEU B 90 12.18 13.93 -14.50
C LEU B 90 11.34 13.81 -13.22
N VAL B 91 10.10 14.30 -13.26
CA VAL B 91 9.23 14.20 -12.09
C VAL B 91 8.88 12.73 -11.77
N SER B 92 8.90 11.87 -12.79
CA SER B 92 8.63 10.45 -12.60
C SER B 92 9.68 9.81 -11.70
N TYR B 93 10.94 10.15 -11.95
CA TYR B 93 12.04 9.68 -11.12
C TYR B 93 11.85 10.11 -9.69
N ARG B 94 11.47 11.36 -9.47
CA ARG B 94 11.28 11.87 -8.11
C ARG B 94 10.16 11.12 -7.41
N LYS B 95 9.07 10.89 -8.14
CA LYS B 95 7.96 10.09 -7.63
C LYS B 95 8.42 8.66 -7.30
N ALA B 96 9.17 8.08 -8.23
CA ALA B 96 9.76 6.76 -7.99
C ALA B 96 10.58 6.77 -6.69
N MET B 97 11.42 7.79 -6.51
CA MET B 97 12.24 7.84 -5.31
C MET B 97 11.36 7.95 -4.06
N TYR B 98 10.30 8.73 -4.16
CA TYR B 98 9.43 8.90 -3.00
C TYR B 98 8.86 7.57 -2.56
N HIS B 99 8.31 6.83 -3.51
CA HIS B 99 7.69 5.56 -3.14
C HIS B 99 8.71 4.54 -2.62
N ALA B 100 9.88 4.51 -3.26
CA ALA B 100 10.91 3.57 -2.83
C ALA B 100 11.36 3.89 -1.40
N LEU B 101 11.61 5.16 -1.13
CA LEU B 101 12.12 5.56 0.18
C LEU B 101 11.06 5.41 1.27
N GLU B 102 9.80 5.64 0.90
CA GLU B 102 8.69 5.41 1.81
C GLU B 102 8.64 3.96 2.25
N LYS B 103 8.83 3.06 1.29
CA LYS B 103 8.83 1.64 1.61
C LYS B 103 10.05 1.28 2.47
N ALA B 104 11.20 1.86 2.14
CA ALA B 104 12.40 1.72 2.97
C ALA B 104 12.16 2.24 4.39
N ARG B 105 11.58 3.45 4.47
CA ARG B 105 11.30 4.08 5.76
C ARG B 105 10.48 3.19 6.70
N VAL B 106 9.40 2.62 6.18
CA VAL B 106 8.53 1.77 6.98
C VAL B 106 9.25 0.52 7.47
N ARG B 107 9.92 -0.17 6.55
CA ARG B 107 10.69 -1.37 6.90
C ARG B 107 11.71 -1.08 7.97
N ALA B 108 12.32 0.10 7.90
CA ALA B 108 13.37 0.51 8.82
C ALA B 108 12.80 0.86 10.19
N GLY B 109 11.53 1.26 10.24
CA GLY B 109 10.96 1.78 11.47
C GLY B 109 11.31 3.25 11.66
N LYS B 110 11.89 3.84 10.62
CA LYS B 110 12.25 5.26 10.60
C LYS B 110 10.99 6.10 10.52
N THR B 111 11.08 7.37 10.94
CA THR B 111 9.97 8.29 10.79
C THR B 111 10.41 9.74 10.60
N PHE B 112 9.60 10.50 9.87
CA PHE B 112 9.91 11.87 9.49
C PHE B 112 8.78 12.81 9.87
N PRO B 113 9.11 13.91 10.57
CA PRO B 113 8.16 14.98 10.89
C PRO B 113 7.51 15.57 9.62
N SER B 114 6.22 15.87 9.71
CA SER B 114 5.47 16.45 8.58
C SER B 114 6.07 17.75 8.07
N SER B 119 4.01 18.75 0.65
CA SER B 119 4.56 18.76 -0.71
C SER B 119 5.51 17.57 -0.96
N LEU B 120 5.65 17.17 -2.22
CA LEU B 120 6.49 16.02 -2.59
C LEU B 120 7.96 16.19 -2.19
N GLU B 121 8.67 17.06 -2.92
CA GLU B 121 10.07 17.35 -2.67
C GLU B 121 10.34 17.64 -1.20
N ASP B 122 9.42 18.36 -0.57
CA ASP B 122 9.57 18.72 0.84
C ASP B 122 9.47 17.49 1.73
N GLN B 123 8.70 16.50 1.29
CA GLN B 123 8.64 15.24 2.02
C GLN B 123 9.87 14.40 1.64
N LEU B 124 10.34 14.62 0.42
CA LEU B 124 11.52 13.92 -0.11
C LEU B 124 12.81 14.36 0.57
N LYS B 125 12.91 15.65 0.85
CA LYS B 125 14.15 16.26 1.37
C LYS B 125 14.78 15.49 2.55
N PRO B 126 14.03 15.26 3.65
CA PRO B 126 14.69 14.51 4.72
C PRO B 126 14.84 13.03 4.39
N MET B 127 14.04 12.52 3.46
CA MET B 127 14.16 11.11 3.08
C MET B 127 15.44 10.88 2.29
N LEU B 128 15.71 11.75 1.32
CA LEU B 128 16.95 11.68 0.57
C LEU B 128 18.18 11.80 1.48
N GLU B 129 18.10 12.66 2.48
CA GLU B 129 19.26 12.88 3.35
C GLU B 129 19.48 11.67 4.25
N TRP B 130 18.38 11.03 4.66
CA TRP B 130 18.46 9.80 5.43
C TRP B 130 19.16 8.72 4.60
N ALA B 131 18.93 8.75 3.30
CA ALA B 131 19.39 7.70 2.40
C ALA B 131 20.87 7.93 2.08
N HIS B 132 21.18 9.14 1.63
CA HIS B 132 22.53 9.55 1.27
C HIS B 132 23.50 9.36 2.43
N GLY B 133 22.98 9.42 3.65
CA GLY B 133 23.79 9.28 4.84
C GLY B 133 23.74 7.90 5.45
N GLY B 134 23.46 6.90 4.62
CA GLY B 134 23.56 5.51 5.05
C GLY B 134 22.43 4.93 5.88
N PHE B 135 21.22 5.49 5.78
CA PHE B 135 20.05 4.89 6.41
C PHE B 135 20.17 4.68 7.94
N LYS B 136 20.84 5.60 8.62
CA LYS B 136 20.96 5.55 10.07
C LYS B 136 19.60 5.76 10.75
N PRO B 137 19.38 5.14 11.92
CA PRO B 137 20.30 4.35 12.72
C PRO B 137 20.40 2.88 12.31
N THR B 138 19.36 2.35 11.67
CA THR B 138 19.37 0.93 11.30
C THR B 138 20.49 0.59 10.32
N GLY B 139 20.86 1.54 9.47
CA GLY B 139 21.72 1.25 8.35
C GLY B 139 20.95 0.41 7.34
N ILE B 140 21.65 -0.21 6.39
CA ILE B 140 20.99 -0.97 5.32
C ILE B 140 20.31 -2.26 5.80
N GLU B 141 20.61 -2.69 7.02
CA GLU B 141 20.00 -3.89 7.59
C GLU B 141 18.50 -3.71 7.80
N GLY B 142 18.06 -2.46 7.97
CA GLY B 142 16.65 -2.17 8.20
C GLY B 142 15.80 -2.18 6.94
N LEU B 143 16.45 -2.33 5.80
CA LEU B 143 15.78 -2.30 4.50
C LEU B 143 15.24 -3.66 4.10
N LYS B 144 15.65 -4.70 4.83
CA LYS B 144 15.30 -6.07 4.48
C LYS B 144 13.81 -6.38 4.65
N PRO B 145 13.27 -7.26 3.80
CA PRO B 145 11.84 -7.62 3.89
C PRO B 145 11.52 -8.33 5.22
N ASN B 146 10.25 -8.24 5.64
CA ASN B 146 9.81 -8.74 6.95
C ASN B 146 10.48 -8.02 8.11
#